data_2YP9
#
_entry.id   2YP9
#
_cell.length_a   100.970
_cell.length_b   100.970
_cell.length_c   387.190
_cell.angle_alpha   90.00
_cell.angle_beta   90.00
_cell.angle_gamma   120.00
#
_symmetry.space_group_name_H-M   'H 3 2'
#
loop_
_entity.id
_entity.type
_entity.pdbx_description
1 polymer HEMAGGLUTININ
2 branched alpha-D-mannopyranose-(1-4)-2-acetamido-2-deoxy-beta-D-glucopyranose-(1-4)-2-acetamido-2-deoxy-beta-D-glucopyranose
3 branched 2-acetamido-2-deoxy-beta-D-glucopyranose-(1-4)-2-acetamido-2-deoxy-beta-D-glucopyranose
4 non-polymer 2-acetamido-2-deoxy-beta-D-glucopyranose
5 non-polymer '4-(2-HYDROXYETHYL)-1-PIPERAZINE ETHANESULFONIC ACID'
6 non-polymer TRIS(HYDROXYETHYL)AMINOMETHANE
7 non-polymer 'N-acetyl-alpha-neuraminic acid'
8 non-polymer 'CARBON MONOXIDE'
9 water water
#
_entity_poly.entity_id   1
_entity_poly.type   'polypeptide(L)'
_entity_poly.pdbx_seq_one_letter_code
;QKLPGNDNSTATLCLGHHAVPNGTIVKTITNDQIEVTNATELVQSSSTGGICDSPHQILDGENCTLIDALLGDPQCDGFQ
NKKWDLFVERSKAYSNCYPYDVPDYASLRSLVASSGTLEFNNESFNWTGVTQNGTSSACKRKSNNSFFSRLNWLTHLKFK
YPALNVTMPNNEKFDKLYIWGVHHPGTDNDQIFLYAQASGRITVSTKRSQQTVIPNIGSRPRVRNIPSRISIYWTIVKPG
DILLINSTGNLIAPRGYFKIRSGKSSIMRSDAPIGKCNSECITPNGSIPNDKPFQNVNRITYGACPRYVKQNTLKLATGM
RNVPEKQTQGIFGAIAGFIENGWEGMVDGWYGFRHQNSEGIGQAADLKSTQAAINQINGKLNRLIGKTNEKFHQIEKEFS
EVEGRIQDLEKYVEDTKIDLWSYNAELLVALENQHTIDLTDSEMNKLFERTKKQLRENAEDMGNGCFKIYHKCDNACIGS
IRNGTYDHDVYRDEALNNRFQIK
;
_entity_poly.pdbx_strand_id   A
#
loop_
_chem_comp.id
_chem_comp.type
_chem_comp.name
_chem_comp.formula
CMO non-polymer 'CARBON MONOXIDE' 'C O'
EPE non-polymer '4-(2-HYDROXYETHYL)-1-PIPERAZINE ETHANESULFONIC ACID' 'C8 H18 N2 O4 S'
MAN D-saccharide, alpha linking alpha-D-mannopyranose 'C6 H12 O6'
NAG D-saccharide, beta linking 2-acetamido-2-deoxy-beta-D-glucopyranose 'C8 H15 N O6'
SIA D-saccharide, alpha linking 'N-acetyl-alpha-neuraminic acid' 'C11 H19 N O9'
TAM non-polymer TRIS(HYDROXYETHYL)AMINOMETHANE 'C7 H17 N O3'
#
# COMPACT_ATOMS: atom_id res chain seq x y z
N ASN A 8 -63.55 5.49 16.70
CA ASN A 8 -63.62 5.99 15.29
C ASN A 8 -63.74 7.51 15.26
N SER A 9 -63.99 8.07 14.08
CA SER A 9 -63.95 9.53 13.86
C SER A 9 -62.51 10.09 13.90
N THR A 10 -61.53 9.20 14.07
CA THR A 10 -60.12 9.60 14.08
C THR A 10 -59.27 8.54 13.39
N ALA A 11 -58.01 8.87 13.19
CA ALA A 11 -57.05 7.94 12.62
C ALA A 11 -55.72 8.17 13.33
N THR A 12 -54.83 7.22 13.21
CA THR A 12 -53.45 7.34 13.72
C THR A 12 -52.48 7.24 12.58
N LEU A 13 -51.48 8.13 12.56
CA LEU A 13 -50.41 8.05 11.57
C LEU A 13 -49.07 8.08 12.28
N CYS A 14 -48.31 6.99 12.17
CA CYS A 14 -47.01 6.85 12.82
C CYS A 14 -45.90 6.98 11.79
N LEU A 15 -44.84 7.69 12.17
CA LEU A 15 -43.63 7.72 11.38
C LEU A 15 -42.60 6.78 11.99
N GLY A 16 -41.86 6.09 11.16
CA GLY A 16 -40.91 5.09 11.66
C GLY A 16 -39.76 4.81 10.74
N HIS A 17 -38.86 3.94 11.20
CA HIS A 17 -37.70 3.53 10.40
C HIS A 17 -37.49 2.06 10.61
N HIS A 18 -36.79 1.43 9.67
CA HIS A 18 -36.52 0.01 9.73
C HIS A 18 -35.55 -0.40 10.81
N ALA A 19 -35.51 -1.70 11.03
CA ALA A 19 -34.58 -2.36 11.93
C ALA A 19 -34.34 -3.74 11.34
N VAL A 20 -33.21 -4.34 11.70
CA VAL A 20 -32.81 -5.63 11.15
C VAL A 20 -32.49 -6.56 12.29
N PRO A 21 -32.62 -7.86 12.04
CA PRO A 21 -32.39 -8.79 13.14
C PRO A 21 -30.90 -9.00 13.40
N ASN A 22 -30.04 -8.74 12.41
CA ASN A 22 -28.59 -8.98 12.53
C ASN A 22 -27.75 -7.69 12.41
N GLY A 23 -27.88 -6.78 13.38
CA GLY A 23 -27.14 -5.50 13.32
C GLY A 23 -25.67 -5.67 13.65
N THR A 24 -24.88 -4.62 13.43
CA THR A 24 -23.43 -4.67 13.72
C THR A 24 -22.97 -3.50 14.58
N ILE A 25 -21.95 -3.75 15.39
CA ILE A 25 -21.49 -2.77 16.36
C ILE A 25 -20.38 -1.92 15.73
N VAL A 26 -20.53 -0.61 15.84
CA VAL A 26 -19.50 0.35 15.40
C VAL A 26 -19.21 1.33 16.51
N LYS A 27 -18.15 2.14 16.30
CA LYS A 27 -17.77 3.19 17.23
C LYS A 27 -18.04 4.57 16.65
N THR A 28 -18.55 5.45 17.50
CA THR A 28 -18.73 6.85 17.11
C THR A 28 -18.04 7.74 18.13
N ILE A 29 -18.20 9.05 17.94
CA ILE A 29 -17.69 9.99 18.91
C ILE A 29 -18.49 9.90 20.20
N THR A 30 -19.80 9.69 20.09
CA THR A 30 -20.68 9.60 21.26
C THR A 30 -20.56 8.25 21.99
N ASN A 31 -20.44 7.16 21.23
CA ASN A 31 -20.54 5.80 21.82
C ASN A 31 -19.36 4.93 21.41
N ASP A 32 -18.70 4.28 22.37
CA ASP A 32 -17.68 3.28 22.07
CA ASP A 32 -17.67 3.30 22.05
C ASP A 32 -18.27 2.12 21.26
N GLN A 33 -19.52 1.78 21.57
CA GLN A 33 -20.23 0.68 20.90
C GLN A 33 -21.67 1.12 20.64
N ILE A 34 -22.07 1.17 19.38
CA ILE A 34 -23.47 1.38 19.01
C ILE A 34 -23.81 0.47 17.86
N GLU A 35 -24.97 -0.21 17.95
CA GLU A 35 -25.39 -1.10 16.92
C GLU A 35 -26.12 -0.34 15.80
N VAL A 36 -25.67 -0.58 14.58
CA VAL A 36 -26.26 -0.05 13.38
C VAL A 36 -26.76 -1.19 12.51
N THR A 37 -27.53 -0.87 11.48
CA THR A 37 -28.12 -1.91 10.64
C THR A 37 -27.11 -2.58 9.74
N ASN A 38 -26.02 -1.89 9.41
CA ASN A 38 -25.02 -2.48 8.52
C ASN A 38 -23.73 -1.68 8.66
N ALA A 39 -22.62 -2.32 8.31
CA ALA A 39 -21.32 -1.66 8.29
C ALA A 39 -20.42 -2.35 7.28
N THR A 40 -19.31 -1.70 6.98
CA THR A 40 -18.32 -2.29 6.08
C THR A 40 -16.91 -2.12 6.66
N GLU A 41 -16.05 -3.09 6.37
CA GLU A 41 -14.70 -3.12 6.91
C GLU A 41 -13.76 -2.21 6.12
N LEU A 42 -13.01 -1.36 6.82
CA LEU A 42 -12.05 -0.46 6.15
C LEU A 42 -10.56 -0.84 6.28
N VAL A 43 -10.27 -1.89 7.04
CA VAL A 43 -8.93 -2.42 7.16
C VAL A 43 -8.81 -3.76 6.44
N GLN A 44 -8.00 -3.80 5.39
CA GLN A 44 -7.66 -5.04 4.71
C GLN A 44 -6.71 -5.87 5.56
N SER A 45 -7.13 -7.07 5.95
CA SER A 45 -6.29 -7.87 6.84
C SER A 45 -5.84 -9.23 6.27
N SER A 46 -6.28 -9.57 5.08
CA SER A 46 -5.81 -10.80 4.43
C SER A 46 -5.11 -10.54 3.12
N SER A 47 -4.27 -11.50 2.72
CA SER A 47 -3.67 -11.55 1.39
C SER A 47 -3.91 -12.96 0.85
N THR A 48 -4.05 -13.06 -0.48
CA THR A 48 -4.05 -14.33 -1.21
C THR A 48 -2.82 -15.15 -0.87
N GLY A 49 -1.71 -14.47 -0.64
CA GLY A 49 -0.46 -15.12 -0.32
C GLY A 49 0.47 -15.24 -1.51
N GLY A 50 -0.02 -14.91 -2.73
CA GLY A 50 0.84 -14.84 -3.92
C GLY A 50 1.03 -13.42 -4.42
N ILE A 51 2.20 -13.14 -5.00
CA ILE A 51 2.45 -11.86 -5.69
C ILE A 51 1.96 -11.99 -7.14
N CYS A 52 0.95 -11.19 -7.50
CA CYS A 52 0.40 -11.22 -8.86
C CYS A 52 1.39 -10.61 -9.86
N ASP A 53 1.59 -11.30 -10.99
CA ASP A 53 2.58 -10.87 -11.97
C ASP A 53 2.11 -9.72 -12.84
N SER A 54 0.90 -9.24 -12.59
CA SER A 54 0.33 -8.11 -13.31
C SER A 54 -0.32 -7.17 -12.30
N PRO A 55 -0.37 -5.85 -12.59
CA PRO A 55 0.09 -5.15 -13.79
C PRO A 55 1.52 -4.60 -13.73
N HIS A 56 2.24 -4.87 -12.64
CA HIS A 56 3.61 -4.43 -12.50
C HIS A 56 4.55 -5.46 -13.06
N GLN A 57 5.67 -5.00 -13.61
CA GLN A 57 6.64 -5.92 -14.14
C GLN A 57 7.47 -6.48 -13.00
N ILE A 58 7.31 -7.77 -12.75
CA ILE A 58 7.97 -8.45 -11.63
C ILE A 58 9.21 -9.17 -12.14
N LEU A 59 10.31 -9.08 -11.39
CA LEU A 59 11.50 -9.88 -11.67
C LEU A 59 11.82 -10.68 -10.41
N ASP A 60 11.64 -12.00 -10.51
CA ASP A 60 11.90 -12.90 -9.39
C ASP A 60 13.37 -13.25 -9.40
N GLY A 61 14.07 -12.84 -8.36
CA GLY A 61 15.49 -13.08 -8.25
C GLY A 61 15.88 -14.54 -8.13
N GLU A 62 14.94 -15.39 -7.70
CA GLU A 62 15.22 -16.82 -7.47
C GLU A 62 16.43 -16.98 -6.56
N ASN A 63 17.51 -17.61 -7.01
CA ASN A 63 18.70 -17.75 -6.16
C ASN A 63 19.65 -16.56 -6.13
N CYS A 64 19.31 -15.50 -6.86
CA CYS A 64 20.15 -14.32 -7.01
C CYS A 64 19.63 -13.10 -6.27
N THR A 65 20.51 -12.44 -5.52
CA THR A 65 20.23 -11.09 -5.09
C THR A 65 20.41 -10.19 -6.31
N LEU A 66 19.90 -8.96 -6.21
CA LEU A 66 20.08 -7.97 -7.26
C LEU A 66 21.56 -7.73 -7.49
N ILE A 67 22.33 -7.62 -6.41
CA ILE A 67 23.75 -7.33 -6.55
C ILE A 67 24.48 -8.50 -7.24
N ASP A 68 24.08 -9.73 -6.95
CA ASP A 68 24.65 -10.89 -7.69
C ASP A 68 24.32 -10.82 -9.18
N ALA A 69 23.07 -10.48 -9.50
CA ALA A 69 22.65 -10.31 -10.88
C ALA A 69 23.41 -9.16 -11.57
N LEU A 70 23.68 -8.10 -10.83
CA LEU A 70 24.47 -6.97 -11.33
C LEU A 70 25.92 -7.39 -11.68
N LEU A 71 26.60 -8.00 -10.72
CA LEU A 71 28.00 -8.36 -10.92
C LEU A 71 28.12 -9.42 -12.00
N GLY A 72 27.11 -10.29 -12.13
CA GLY A 72 27.13 -11.34 -13.15
C GLY A 72 27.61 -12.70 -12.68
N ASP A 73 27.18 -13.08 -11.47
CA ASP A 73 27.33 -14.45 -10.96
C ASP A 73 26.73 -15.40 -12.03
N PRO A 74 27.45 -16.48 -12.43
CA PRO A 74 26.95 -17.29 -13.53
C PRO A 74 25.53 -17.83 -13.36
N GLN A 75 25.12 -18.20 -12.14
CA GLN A 75 23.73 -18.62 -11.97
C GLN A 75 22.72 -17.50 -12.26
N CYS A 76 23.20 -16.26 -12.39
CA CYS A 76 22.33 -15.11 -12.68
C CYS A 76 22.40 -14.63 -14.13
N ASP A 77 23.04 -15.42 -15.00
CA ASP A 77 23.22 -14.98 -16.39
C ASP A 77 21.90 -14.70 -17.11
N GLY A 78 20.84 -15.40 -16.72
CA GLY A 78 19.54 -15.22 -17.36
C GLY A 78 18.91 -13.85 -17.12
N PHE A 79 19.45 -13.11 -16.16
CA PHE A 79 18.95 -11.76 -15.80
C PHE A 79 19.57 -10.62 -16.62
N GLN A 80 20.54 -10.94 -17.47
CA GLN A 80 21.29 -9.88 -18.15
C GLN A 80 20.33 -8.93 -18.84
N ASN A 81 20.55 -7.64 -18.65
CA ASN A 81 19.79 -6.59 -19.34
C ASN A 81 18.30 -6.46 -19.04
N LYS A 82 17.78 -7.22 -18.07
CA LYS A 82 16.35 -7.18 -17.77
C LYS A 82 15.99 -5.93 -16.98
N LYS A 83 14.71 -5.55 -17.09
CA LYS A 83 14.14 -4.46 -16.33
C LYS A 83 13.05 -4.97 -15.39
N TRP A 84 12.62 -4.11 -14.47
CA TRP A 84 11.56 -4.45 -13.53
C TRP A 84 10.91 -3.22 -13.03
N ASP A 85 9.67 -3.38 -12.61
CA ASP A 85 9.05 -2.46 -11.66
C ASP A 85 9.43 -2.90 -10.25
N LEU A 86 9.31 -4.20 -9.97
CA LEU A 86 9.65 -4.72 -8.65
C LEU A 86 10.54 -5.93 -8.75
N PHE A 87 11.75 -5.82 -8.21
CA PHE A 87 12.67 -6.95 -8.12
C PHE A 87 12.39 -7.66 -6.79
N VAL A 88 12.15 -8.98 -6.83
CA VAL A 88 11.79 -9.74 -5.63
C VAL A 88 12.95 -10.63 -5.23
N GLU A 89 13.57 -10.31 -4.09
CA GLU A 89 14.69 -11.10 -3.55
C GLU A 89 14.18 -12.10 -2.56
N ARG A 90 14.65 -13.33 -2.72
CA ARG A 90 14.21 -14.48 -1.96
C ARG A 90 15.18 -14.75 -0.82
N SER A 91 14.67 -15.23 0.31
CA SER A 91 15.53 -15.56 1.47
C SER A 91 16.55 -16.67 1.15
N LYS A 92 16.21 -17.55 0.23
CA LYS A 92 17.09 -18.67 -0.17
C LYS A 92 18.29 -18.22 -1.05
N ALA A 93 18.30 -16.96 -1.49
CA ALA A 93 19.33 -16.51 -2.44
C ALA A 93 20.73 -16.69 -1.85
N TYR A 94 21.69 -17.01 -2.72
CA TYR A 94 23.07 -17.22 -2.29
C TYR A 94 24.05 -16.89 -3.41
N SER A 95 25.23 -16.43 -3.02
CA SER A 95 26.27 -16.12 -3.97
C SER A 95 27.03 -17.39 -4.28
N ASN A 96 27.44 -17.54 -5.53
CA ASN A 96 28.18 -18.73 -5.95
C ASN A 96 29.34 -18.38 -6.88
N CYS A 97 30.02 -17.28 -6.61
CA CYS A 97 31.15 -16.86 -7.41
C CYS A 97 32.26 -16.47 -6.44
N TYR A 98 33.17 -15.59 -6.82
CA TYR A 98 34.25 -15.20 -5.91
C TYR A 98 33.69 -14.47 -4.69
N PRO A 99 34.18 -14.77 -3.49
CA PRO A 99 33.63 -14.08 -2.33
C PRO A 99 33.90 -12.57 -2.37
N TYR A 100 32.87 -11.78 -2.09
CA TYR A 100 33.00 -10.32 -2.17
C TYR A 100 32.23 -9.62 -1.08
N ASP A 101 32.59 -8.36 -0.85
CA ASP A 101 31.75 -7.47 -0.09
C ASP A 101 31.60 -6.12 -0.82
N VAL A 102 30.62 -5.34 -0.37
CA VAL A 102 30.34 -4.04 -0.94
C VAL A 102 30.26 -3.08 0.22
N PRO A 103 31.30 -2.26 0.40
CA PRO A 103 31.10 -1.19 1.36
C PRO A 103 29.85 -0.38 0.94
N ASP A 104 28.96 -0.08 1.87
CA ASP A 104 27.64 0.55 1.51
C ASP A 104 26.84 -0.25 0.47
N TYR A 105 26.83 -1.56 0.69
CA TYR A 105 25.96 -2.48 -0.03
C TYR A 105 24.53 -1.97 -0.12
N ALA A 106 23.96 -1.55 1.00
CA ALA A 106 22.55 -1.12 1.01
C ALA A 106 22.30 -0.01 0.01
N SER A 107 23.25 0.92 -0.13
CA SER A 107 23.06 2.02 -1.08
C SER A 107 23.15 1.59 -2.53
N LEU A 108 24.07 0.69 -2.86
CA LEU A 108 24.21 0.25 -4.24
C LEU A 108 22.96 -0.54 -4.63
N ARG A 109 22.53 -1.41 -3.71
CA ARG A 109 21.29 -2.16 -3.90
C ARG A 109 20.12 -1.22 -4.15
N SER A 110 19.99 -0.20 -3.32
CA SER A 110 18.90 0.76 -3.44
C SER A 110 18.93 1.51 -4.77
N LEU A 111 20.10 2.03 -5.14
CA LEU A 111 20.16 2.84 -6.36
C LEU A 111 19.91 2.02 -7.61
N VAL A 112 20.40 0.78 -7.65
CA VAL A 112 20.12 -0.11 -8.79
C VAL A 112 18.63 -0.49 -8.80
N ALA A 113 18.08 -0.78 -7.63
CA ALA A 113 16.67 -1.17 -7.51
C ALA A 113 15.78 -0.08 -8.04
N SER A 114 16.07 1.16 -7.64
CA SER A 114 15.27 2.33 -8.02
C SER A 114 15.41 2.65 -9.51
N SER A 115 16.62 2.44 -10.04
CA SER A 115 16.88 2.58 -11.47
C SER A 115 16.05 1.60 -12.31
N GLY A 116 15.92 0.37 -11.86
CA GLY A 116 14.94 -0.56 -12.47
C GLY A 116 15.46 -1.26 -13.73
N THR A 117 16.77 -1.29 -13.92
CA THR A 117 17.36 -1.91 -15.11
C THR A 117 18.74 -2.46 -14.89
N LEU A 118 19.02 -3.57 -15.56
CA LEU A 118 20.34 -4.17 -15.57
C LEU A 118 20.99 -3.99 -16.95
N GLU A 119 20.46 -3.08 -17.78
CA GLU A 119 21.03 -2.85 -19.12
C GLU A 119 22.50 -2.49 -19.02
N PHE A 120 23.34 -3.18 -19.79
CA PHE A 120 24.77 -3.04 -19.69
C PHE A 120 25.33 -2.85 -21.10
N ASN A 121 26.24 -1.91 -21.25
CA ASN A 121 26.86 -1.64 -22.56
C ASN A 121 28.35 -1.89 -22.41
N ASN A 122 28.86 -2.83 -23.21
CA ASN A 122 30.29 -3.12 -23.21
C ASN A 122 31.09 -1.96 -23.77
N GLU A 123 32.27 -1.74 -23.20
CA GLU A 123 33.22 -0.78 -23.75
C GLU A 123 34.60 -1.41 -23.86
N SER A 124 35.38 -0.89 -24.80
CA SER A 124 36.70 -1.45 -25.12
C SER A 124 37.74 -0.65 -24.35
N PHE A 125 38.06 -1.11 -23.15
CA PHE A 125 39.06 -0.44 -22.34
C PHE A 125 40.42 -0.84 -22.88
N ASN A 126 41.38 0.07 -22.82
CA ASN A 126 42.72 -0.24 -23.29
C ASN A 126 43.56 -0.90 -22.18
N TRP A 127 43.52 -2.24 -22.12
CA TRP A 127 44.31 -2.98 -21.13
C TRP A 127 45.62 -3.49 -21.66
N THR A 128 46.32 -2.62 -22.37
CA THR A 128 47.63 -2.95 -22.92
C THR A 128 48.60 -3.31 -21.79
N GLY A 129 49.20 -4.49 -21.89
CA GLY A 129 50.32 -4.89 -21.05
C GLY A 129 49.98 -5.81 -19.89
N VAL A 130 48.73 -6.24 -19.82
CA VAL A 130 48.28 -7.16 -18.77
C VAL A 130 47.52 -8.32 -19.39
N THR A 131 47.32 -9.38 -18.60
CA THR A 131 46.45 -10.48 -19.01
C THR A 131 45.03 -10.20 -18.55
N GLN A 132 44.07 -10.41 -19.44
CA GLN A 132 42.65 -10.18 -19.13
C GLN A 132 41.97 -11.50 -18.82
N ASN A 133 40.76 -11.40 -18.28
CA ASN A 133 39.83 -12.53 -18.16
C ASN A 133 40.28 -13.63 -17.21
N GLY A 134 40.84 -13.23 -16.07
CA GLY A 134 41.19 -14.20 -15.03
C GLY A 134 39.94 -14.93 -14.58
N THR A 135 40.09 -16.21 -14.28
CA THR A 135 38.99 -17.04 -13.83
C THR A 135 39.35 -17.76 -12.54
N SER A 136 38.36 -18.45 -11.98
CA SER A 136 38.51 -19.15 -10.72
C SER A 136 37.57 -20.37 -10.65
N SER A 137 38.05 -21.43 -10.01
CA SER A 137 37.23 -22.62 -9.76
C SER A 137 36.12 -22.32 -8.74
N ALA A 138 36.24 -21.20 -8.01
CA ALA A 138 35.17 -20.71 -7.11
C ALA A 138 34.00 -20.05 -7.87
N CYS A 139 34.14 -19.86 -9.17
CA CYS A 139 33.08 -19.22 -9.96
C CYS A 139 32.91 -19.92 -11.30
N LYS A 140 32.33 -21.12 -11.24
CA LYS A 140 32.17 -21.97 -12.42
C LYS A 140 31.00 -21.51 -13.28
N ARG A 141 31.22 -21.49 -14.60
CA ARG A 141 30.15 -21.22 -15.57
C ARG A 141 30.16 -22.37 -16.58
N LYS A 142 29.05 -23.12 -16.67
CA LYS A 142 28.99 -24.34 -17.49
C LYS A 142 30.18 -25.23 -17.22
N SER A 143 30.41 -25.51 -15.94
CA SER A 143 31.49 -26.41 -15.47
C SER A 143 32.94 -25.98 -15.75
N ASN A 144 33.12 -24.81 -16.35
CA ASN A 144 34.45 -24.24 -16.55
C ASN A 144 34.74 -23.17 -15.52
N ASN A 145 36.01 -23.04 -15.14
CA ASN A 145 36.44 -21.91 -14.32
C ASN A 145 36.04 -20.62 -15.02
N SER A 146 35.49 -19.67 -14.27
CA SER A 146 35.02 -18.43 -14.87
C SER A 146 35.08 -17.30 -13.84
N PHE A 147 34.26 -16.27 -14.05
CA PHE A 147 34.28 -15.09 -13.19
C PHE A 147 33.00 -14.29 -13.42
N PHE A 148 32.78 -13.30 -12.56
CA PHE A 148 31.69 -12.35 -12.76
C PHE A 148 31.66 -11.87 -14.21
N SER A 149 30.50 -11.95 -14.84
CA SER A 149 30.40 -11.60 -16.27
C SER A 149 30.77 -10.14 -16.56
N ARG A 150 30.44 -9.24 -15.65
CA ARG A 150 30.60 -7.81 -15.95
C ARG A 150 31.95 -7.26 -15.47
N LEU A 151 32.78 -8.15 -14.93
CA LEU A 151 34.05 -7.74 -14.38
C LEU A 151 35.19 -8.46 -15.08
N ASN A 152 36.36 -7.85 -15.05
CA ASN A 152 37.53 -8.32 -15.80
C ASN A 152 38.73 -8.38 -14.85
N TRP A 153 39.09 -9.60 -14.46
CA TRP A 153 40.22 -9.85 -13.60
C TRP A 153 41.52 -9.79 -14.37
N LEU A 154 42.26 -8.70 -14.19
CA LEU A 154 43.52 -8.47 -14.89
C LEU A 154 44.68 -8.97 -14.03
N THR A 155 45.62 -9.66 -14.67
CA THR A 155 46.81 -10.17 -13.99
C THR A 155 48.05 -9.83 -14.83
N HIS A 156 49.24 -10.15 -14.32
CA HIS A 156 50.47 -9.78 -15.01
C HIS A 156 50.56 -10.43 -16.35
N LEU A 157 51.33 -9.81 -17.26
CA LEU A 157 51.65 -10.41 -18.54
C LEU A 157 53.17 -10.57 -18.60
N LYS A 158 53.63 -11.80 -18.78
CA LYS A 158 55.07 -12.11 -18.82
C LYS A 158 55.78 -11.57 -17.58
N PHE A 159 55.14 -11.77 -16.42
CA PHE A 159 55.64 -11.32 -15.12
C PHE A 159 55.88 -9.82 -15.00
N LYS A 160 55.16 -9.03 -15.82
CA LYS A 160 55.10 -7.58 -15.65
C LYS A 160 53.63 -7.12 -15.54
N TYR A 161 53.41 -6.13 -14.67
CA TYR A 161 52.13 -5.45 -14.56
C TYR A 161 52.46 -3.96 -14.60
N PRO A 162 52.42 -3.34 -15.79
CA PRO A 162 52.80 -1.95 -15.87
C PRO A 162 51.70 -1.08 -15.30
N ALA A 163 52.06 0.13 -14.89
CA ALA A 163 51.11 1.04 -14.26
C ALA A 163 50.01 1.36 -15.26
N LEU A 164 48.77 1.08 -14.87
CA LEU A 164 47.62 1.36 -15.72
C LEU A 164 47.19 2.80 -15.47
N ASN A 165 46.83 3.47 -16.55
CA ASN A 165 46.32 4.82 -16.48
C ASN A 165 45.37 4.94 -17.66
N VAL A 166 44.15 4.45 -17.45
CA VAL A 166 43.24 4.18 -18.53
C VAL A 166 42.01 5.06 -18.43
N THR A 167 41.60 5.60 -19.57
CA THR A 167 40.51 6.56 -19.62
C THR A 167 39.28 6.03 -20.39
N MET A 168 38.10 6.50 -20.00
CA MET A 168 36.88 6.25 -20.79
C MET A 168 35.94 7.46 -20.68
N PRO A 169 35.86 8.27 -21.76
CA PRO A 169 35.00 9.43 -21.73
C PRO A 169 33.53 9.06 -21.85
N ASN A 170 32.66 9.83 -21.19
CA ASN A 170 31.23 9.72 -21.42
C ASN A 170 30.81 10.79 -22.43
N ASN A 171 30.67 10.36 -23.68
CA ASN A 171 30.21 11.21 -24.76
C ASN A 171 28.76 10.94 -25.08
N GLU A 172 28.05 10.31 -24.15
CA GLU A 172 26.61 10.06 -24.30
C GLU A 172 25.87 11.22 -23.67
N LYS A 173 24.55 11.24 -23.84
CA LYS A 173 23.72 12.24 -23.17
C LYS A 173 23.02 11.66 -21.94
N PHE A 174 23.46 10.49 -21.48
CA PHE A 174 22.95 9.89 -20.23
C PHE A 174 24.11 9.51 -19.31
N ASP A 175 23.79 9.26 -18.04
CA ASP A 175 24.77 8.88 -17.04
C ASP A 175 25.15 7.43 -17.21
N LYS A 176 26.39 7.12 -16.84
CA LYS A 176 26.91 5.78 -16.86
C LYS A 176 27.23 5.37 -15.43
N LEU A 177 26.79 4.17 -15.04
CA LEU A 177 27.14 3.58 -13.75
C LEU A 177 28.19 2.50 -13.97
N TYR A 178 29.37 2.69 -13.36
CA TYR A 178 30.47 1.73 -13.43
C TYR A 178 30.60 0.97 -12.13
N ILE A 179 30.73 -0.35 -12.22
CA ILE A 179 30.96 -1.23 -11.09
C ILE A 179 32.35 -1.83 -11.24
N TRP A 180 33.16 -1.73 -10.20
CA TRP A 180 34.53 -2.22 -10.25
C TRP A 180 34.90 -2.74 -8.90
N GLY A 181 36.10 -3.30 -8.80
CA GLY A 181 36.51 -3.96 -7.59
C GLY A 181 37.99 -3.95 -7.33
N VAL A 182 38.31 -4.32 -6.10
CA VAL A 182 39.67 -4.45 -5.65
C VAL A 182 39.84 -5.86 -5.07
N HIS A 183 40.86 -6.56 -5.55
CA HIS A 183 41.13 -7.91 -5.06
C HIS A 183 42.09 -7.85 -3.90
N HIS A 184 41.68 -8.44 -2.78
CA HIS A 184 42.51 -8.58 -1.58
C HIS A 184 42.99 -10.02 -1.52
N PRO A 185 44.25 -10.28 -1.92
CA PRO A 185 44.73 -11.67 -1.94
C PRO A 185 44.98 -12.24 -0.55
N GLY A 186 44.84 -13.56 -0.41
CA GLY A 186 45.01 -14.22 0.88
C GLY A 186 46.43 -14.16 1.42
N THR A 187 47.41 -14.19 0.52
CA THR A 187 48.83 -14.21 0.89
C THR A 187 49.71 -13.37 -0.03
N ASP A 188 50.92 -13.05 0.45
CA ASP A 188 51.93 -12.35 -0.35
C ASP A 188 52.31 -13.15 -1.60
N ASN A 189 52.32 -14.48 -1.48
CA ASN A 189 52.59 -15.36 -2.62
C ASN A 189 51.59 -15.18 -3.75
N ASP A 190 50.30 -15.07 -3.39
CA ASP A 190 49.25 -14.82 -4.36
C ASP A 190 49.41 -13.45 -5.00
N GLN A 191 49.78 -12.44 -4.19
CA GLN A 191 50.03 -11.10 -4.71
C GLN A 191 51.04 -11.11 -5.84
N ILE A 192 52.16 -11.77 -5.61
CA ILE A 192 53.23 -11.81 -6.62
C ILE A 192 52.83 -12.72 -7.78
N PHE A 193 52.22 -13.86 -7.47
CA PHE A 193 51.78 -14.76 -8.52
C PHE A 193 50.83 -14.06 -9.50
N LEU A 194 49.94 -13.22 -8.96
CA LEU A 194 48.93 -12.58 -9.77
C LEU A 194 49.39 -11.29 -10.44
N TYR A 195 50.09 -10.44 -9.69
CA TYR A 195 50.38 -9.06 -10.12
C TYR A 195 51.88 -8.76 -10.26
N ALA A 196 52.72 -9.72 -9.88
CA ALA A 196 54.16 -9.65 -10.15
C ALA A 196 54.90 -8.60 -9.34
N GLN A 197 54.23 -8.00 -8.36
CA GLN A 197 54.81 -6.94 -7.54
C GLN A 197 53.93 -6.68 -6.32
N ALA A 198 54.47 -5.95 -5.34
CA ALA A 198 53.76 -5.67 -4.10
C ALA A 198 52.51 -4.82 -4.35
N SER A 199 51.55 -4.91 -3.45
CA SER A 199 50.26 -4.24 -3.67
C SER A 199 50.45 -2.74 -3.48
N GLY A 200 49.69 -1.98 -4.26
CA GLY A 200 49.60 -0.54 -4.10
C GLY A 200 48.17 -0.10 -4.33
N ARG A 201 47.91 1.18 -4.07
CA ARG A 201 46.56 1.72 -4.14
C ARG A 201 45.96 1.73 -5.55
N ILE A 202 44.63 1.73 -5.61
CA ILE A 202 43.88 1.91 -6.86
C ILE A 202 43.14 3.25 -6.77
N THR A 203 43.21 4.08 -7.80
CA THR A 203 42.48 5.35 -7.80
C THR A 203 41.61 5.44 -9.05
N VAL A 204 40.30 5.59 -8.81
CA VAL A 204 39.32 5.74 -9.88
C VAL A 204 38.73 7.13 -9.74
N SER A 205 38.83 7.93 -10.78
CA SER A 205 38.47 9.34 -10.67
C SER A 205 37.71 9.85 -11.87
N THR A 206 37.05 10.98 -11.63
CA THR A 206 36.39 11.75 -12.68
C THR A 206 36.77 13.19 -12.43
N LYS A 207 36.24 14.10 -13.24
CA LYS A 207 36.42 15.52 -12.97
C LYS A 207 35.80 15.94 -11.63
N ARG A 208 34.80 15.21 -11.15
CA ARG A 208 34.06 15.63 -9.95
C ARG A 208 34.23 14.71 -8.74
N SER A 209 34.97 13.61 -8.87
CA SER A 209 35.07 12.63 -7.80
C SER A 209 36.37 11.85 -7.85
N GLN A 210 36.77 11.32 -6.70
CA GLN A 210 37.91 10.43 -6.65
C GLN A 210 37.66 9.39 -5.57
N GLN A 211 38.05 8.16 -5.85
CA GLN A 211 37.99 7.10 -4.86
C GLN A 211 39.30 6.36 -4.92
N THR A 212 40.00 6.32 -3.80
CA THR A 212 41.24 5.57 -3.71
C THR A 212 41.04 4.43 -2.72
N VAL A 213 41.44 3.22 -3.14
CA VAL A 213 41.26 2.03 -2.35
C VAL A 213 42.59 1.25 -2.25
N ILE A 214 42.90 0.82 -1.04
CA ILE A 214 44.13 0.07 -0.75
C ILE A 214 43.84 -1.43 -0.68
N PRO A 215 44.43 -2.22 -1.57
CA PRO A 215 44.33 -3.66 -1.37
C PRO A 215 45.03 -4.08 -0.07
N ASN A 216 44.41 -4.98 0.67
CA ASN A 216 44.95 -5.47 1.94
C ASN A 216 45.12 -6.99 1.89
N ILE A 217 46.38 -7.41 1.84
CA ILE A 217 46.73 -8.84 1.75
C ILE A 217 46.44 -9.50 3.09
N GLY A 218 45.87 -10.69 3.06
CA GLY A 218 45.63 -11.45 4.29
C GLY A 218 44.56 -12.50 4.14
N SER A 219 44.63 -13.53 4.98
CA SER A 219 43.62 -14.56 4.99
C SER A 219 42.39 -14.06 5.74
N ARG A 220 41.23 -14.21 5.11
CA ARG A 220 39.93 -14.13 5.78
C ARG A 220 39.43 -15.56 5.92
N PRO A 221 38.42 -15.79 6.79
CA PRO A 221 37.86 -17.14 6.85
C PRO A 221 37.39 -17.61 5.48
N ARG A 222 37.67 -18.86 5.14
CA ARG A 222 37.36 -19.32 3.80
C ARG A 222 35.88 -19.33 3.57
N VAL A 223 35.50 -18.82 2.41
CA VAL A 223 34.12 -18.86 1.93
C VAL A 223 34.21 -19.60 0.59
N ARG A 224 33.47 -20.70 0.48
CA ARG A 224 33.59 -21.58 -0.68
C ARG A 224 35.08 -21.83 -0.98
N ASN A 225 35.81 -22.14 0.09
CA ASN A 225 37.25 -22.45 0.07
C ASN A 225 38.20 -21.32 -0.37
N ILE A 226 37.74 -20.08 -0.32
CA ILE A 226 38.56 -18.95 -0.75
C ILE A 226 38.79 -17.99 0.42
N PRO A 227 40.05 -17.80 0.81
CA PRO A 227 40.41 -16.87 1.89
C PRO A 227 40.63 -15.43 1.42
N SER A 228 40.67 -15.21 0.11
CA SER A 228 40.78 -13.88 -0.46
C SER A 228 39.39 -13.22 -0.52
N ARG A 229 39.37 -11.95 -0.89
CA ARG A 229 38.11 -11.22 -1.05
C ARG A 229 38.23 -10.21 -2.18
N ILE A 230 37.09 -9.86 -2.77
CA ILE A 230 36.99 -8.72 -3.70
C ILE A 230 36.06 -7.68 -3.03
N SER A 231 36.49 -6.43 -2.97
CA SER A 231 35.62 -5.36 -2.47
C SER A 231 35.11 -4.57 -3.68
N ILE A 232 33.80 -4.34 -3.71
CA ILE A 232 33.14 -3.75 -4.86
C ILE A 232 32.82 -2.27 -4.63
N TYR A 233 33.07 -1.46 -5.67
CA TYR A 233 32.89 -0.01 -5.60
C TYR A 233 32.12 0.40 -6.84
N TRP A 234 31.56 1.61 -6.83
CA TRP A 234 30.84 2.13 -8.00
C TRP A 234 31.13 3.58 -8.21
N THR A 235 30.98 4.00 -9.45
CA THR A 235 31.25 5.37 -9.86
C THR A 235 30.24 5.73 -10.92
N ILE A 236 29.57 6.87 -10.75
CA ILE A 236 28.65 7.36 -11.80
C ILE A 236 29.36 8.45 -12.57
N VAL A 237 29.33 8.36 -13.90
CA VAL A 237 30.03 9.32 -14.75
C VAL A 237 29.02 10.09 -15.62
N LYS A 238 29.02 11.40 -15.46
CA LYS A 238 28.09 12.28 -16.17
C LYS A 238 28.51 12.54 -17.61
N PRO A 239 27.55 12.88 -18.49
CA PRO A 239 27.91 13.32 -19.83
C PRO A 239 28.94 14.42 -19.77
N GLY A 240 29.96 14.33 -20.61
CA GLY A 240 31.01 15.34 -20.63
C GLY A 240 32.12 15.08 -19.64
N ASP A 241 31.95 14.11 -18.74
CA ASP A 241 32.99 13.73 -17.80
C ASP A 241 33.73 12.50 -18.34
N ILE A 242 34.73 12.04 -17.59
CA ILE A 242 35.67 11.03 -18.02
C ILE A 242 36.00 10.14 -16.82
N LEU A 243 35.92 8.83 -17.00
CA LEU A 243 36.42 7.88 -16.01
C LEU A 243 37.92 7.70 -16.21
N LEU A 244 38.69 7.81 -15.13
CA LEU A 244 40.11 7.51 -15.16
C LEU A 244 40.44 6.43 -14.12
N ILE A 245 41.04 5.35 -14.58
CA ILE A 245 41.46 4.24 -13.75
C ILE A 245 43.00 4.16 -13.72
N ASN A 246 43.54 4.17 -12.50
CA ASN A 246 44.98 4.27 -12.23
C ASN A 246 45.30 3.14 -11.23
N SER A 247 46.11 2.16 -11.65
CA SER A 247 46.40 0.99 -10.83
C SER A 247 47.73 0.33 -11.22
N THR A 248 48.35 -0.36 -10.26
CA THR A 248 49.54 -1.19 -10.48
C THR A 248 49.29 -2.65 -10.10
N GLY A 249 48.01 -3.01 -9.91
CA GLY A 249 47.63 -4.36 -9.55
C GLY A 249 46.35 -4.40 -8.76
N ASN A 250 45.80 -5.60 -8.59
CA ASN A 250 44.65 -5.86 -7.73
C ASN A 250 43.32 -5.28 -8.22
N LEU A 251 43.30 -4.81 -9.46
CA LEU A 251 42.15 -4.19 -10.07
C LEU A 251 41.24 -5.23 -10.69
N ILE A 252 39.98 -5.24 -10.26
CA ILE A 252 38.92 -5.99 -10.92
C ILE A 252 38.17 -4.97 -11.77
N ALA A 253 38.48 -4.96 -13.05
CA ALA A 253 38.08 -3.90 -13.95
C ALA A 253 36.66 -4.05 -14.47
N PRO A 254 36.01 -2.90 -14.76
CA PRO A 254 34.71 -2.95 -15.41
C PRO A 254 34.87 -3.33 -16.89
N ARG A 255 33.86 -4.00 -17.44
CA ARG A 255 33.82 -4.30 -18.88
C ARG A 255 32.99 -3.29 -19.68
N GLY A 256 32.51 -2.26 -18.97
CA GLY A 256 31.55 -1.33 -19.54
C GLY A 256 30.71 -0.73 -18.43
N TYR A 257 29.54 -0.23 -18.77
CA TYR A 257 28.68 0.48 -17.80
C TYR A 257 27.25 0.01 -17.81
N PHE A 258 26.58 0.25 -16.70
CA PHE A 258 25.14 0.06 -16.61
C PHE A 258 24.47 1.38 -16.92
N LYS A 259 23.36 1.29 -17.62
CA LYS A 259 22.48 2.42 -17.76
C LYS A 259 21.94 2.69 -16.38
N ILE A 260 21.73 3.94 -16.06
CA ILE A 260 21.04 4.25 -14.84
C ILE A 260 19.86 5.13 -15.22
N ARG A 261 18.66 4.69 -14.84
CA ARG A 261 17.42 5.36 -15.22
C ARG A 261 16.76 5.88 -13.96
N SER A 262 15.74 6.69 -14.12
CA SER A 262 14.91 7.04 -12.98
C SER A 262 13.47 6.73 -13.30
N GLY A 263 12.76 6.24 -12.29
CA GLY A 263 11.36 5.94 -12.44
C GLY A 263 10.88 5.34 -11.15
N LYS A 264 9.88 4.48 -11.26
CA LYS A 264 9.11 3.99 -10.11
C LYS A 264 9.53 2.59 -9.65
N SER A 265 10.71 2.14 -10.01
CA SER A 265 11.12 0.77 -9.70
C SER A 265 11.58 0.65 -8.24
N SER A 266 11.45 -0.56 -7.70
CA SER A 266 11.90 -0.86 -6.35
C SER A 266 12.30 -2.34 -6.23
N ILE A 267 12.57 -2.74 -4.99
CA ILE A 267 12.99 -4.09 -4.63
C ILE A 267 12.27 -4.47 -3.36
N MET A 268 11.90 -5.73 -3.22
CA MET A 268 11.21 -6.21 -2.03
C MET A 268 11.75 -7.59 -1.66
N ARG A 269 11.92 -7.82 -0.37
CA ARG A 269 12.22 -9.14 0.16
C ARG A 269 10.91 -9.89 0.41
N SER A 270 10.77 -11.04 -0.22
CA SER A 270 9.60 -11.87 -0.06
C SER A 270 9.87 -13.29 -0.50
N ASP A 271 9.23 -14.24 0.19
CA ASP A 271 9.19 -15.62 -0.27
C ASP A 271 7.86 -16.03 -0.87
N ALA A 272 6.97 -15.08 -1.12
CA ALA A 272 5.66 -15.38 -1.68
C ALA A 272 5.80 -15.83 -3.14
N PRO A 273 5.06 -16.88 -3.54
CA PRO A 273 5.16 -17.33 -4.93
C PRO A 273 4.57 -16.29 -5.86
N ILE A 274 5.06 -16.26 -7.10
CA ILE A 274 4.50 -15.34 -8.07
C ILE A 274 3.38 -16.04 -8.81
N GLY A 275 2.23 -15.38 -8.90
CA GLY A 275 1.04 -15.95 -9.53
C GLY A 275 0.67 -15.24 -10.83
N LYS A 276 -0.09 -15.95 -11.67
CA LYS A 276 -0.67 -15.36 -12.87
C LYS A 276 -2.01 -14.77 -12.51
N CYS A 277 -1.96 -13.50 -12.12
CA CYS A 277 -3.13 -12.77 -11.69
C CYS A 277 -2.78 -11.27 -11.75
N ASN A 278 -3.77 -10.44 -11.43
CA ASN A 278 -3.65 -9.01 -11.58
C ASN A 278 -4.07 -8.32 -10.30
N SER A 279 -3.14 -7.60 -9.69
CA SER A 279 -3.42 -6.85 -8.46
C SER A 279 -2.48 -5.67 -8.35
N GLU A 280 -3.03 -4.48 -8.04
CA GLU A 280 -2.23 -3.25 -8.00
C GLU A 280 -1.26 -3.16 -6.80
N CYS A 281 -1.66 -3.73 -5.66
CA CYS A 281 -0.89 -3.60 -4.42
C CYS A 281 -0.11 -4.85 -4.07
N ILE A 282 1.20 -4.69 -3.90
CA ILE A 282 2.08 -5.80 -3.50
C ILE A 282 2.64 -5.60 -2.10
N THR A 283 2.60 -6.65 -1.30
CA THR A 283 3.27 -6.69 0.00
C THR A 283 4.12 -7.96 0.04
N PRO A 284 5.06 -8.05 1.00
CA PRO A 284 5.86 -9.28 1.11
C PRO A 284 5.03 -10.53 1.38
N ASN A 285 3.82 -10.35 1.90
CA ASN A 285 2.92 -11.48 2.16
C ASN A 285 2.17 -11.91 0.92
N GLY A 286 2.28 -11.15 -0.16
CA GLY A 286 1.51 -11.36 -1.37
C GLY A 286 0.77 -10.10 -1.73
N SER A 287 0.12 -10.13 -2.89
CA SER A 287 -0.70 -9.01 -3.31
C SER A 287 -1.96 -8.93 -2.43
N ILE A 288 -2.46 -7.73 -2.20
CA ILE A 288 -3.69 -7.56 -1.43
C ILE A 288 -4.63 -6.67 -2.22
N PRO A 289 -5.94 -6.91 -2.09
CA PRO A 289 -6.92 -6.03 -2.66
C PRO A 289 -6.74 -4.61 -2.13
N ASN A 290 -7.04 -3.62 -2.96
CA ASN A 290 -6.88 -2.23 -2.60
C ASN A 290 -8.17 -1.42 -2.58
N ASP A 291 -9.29 -2.09 -2.32
CA ASP A 291 -10.57 -1.42 -2.23
C ASP A 291 -10.64 -0.58 -0.94
N LYS A 292 -10.07 -1.10 0.14
CA LYS A 292 -10.17 -0.48 1.46
C LYS A 292 -9.10 0.59 1.63
N PRO A 293 -9.36 1.60 2.47
CA PRO A 293 -8.39 2.69 2.58
C PRO A 293 -7.19 2.36 3.47
N PHE A 294 -7.35 1.35 4.33
CA PHE A 294 -6.31 0.97 5.28
C PHE A 294 -6.04 -0.54 5.20
N GLN A 295 -4.92 -0.95 5.76
CA GLN A 295 -4.53 -2.35 5.77
C GLN A 295 -3.61 -2.61 6.93
N ASN A 296 -3.66 -3.83 7.46
CA ASN A 296 -2.83 -4.26 8.55
CA ASN A 296 -2.74 -4.22 8.52
C ASN A 296 -1.98 -5.48 8.15
N VAL A 297 -1.79 -5.68 6.85
CA VAL A 297 -1.04 -6.85 6.38
C VAL A 297 0.47 -6.65 6.52
N ASN A 298 1.00 -5.54 6.02
CA ASN A 298 2.45 -5.28 6.08
C ASN A 298 2.73 -3.81 5.87
N ARG A 299 3.68 -3.30 6.64
CA ARG A 299 4.14 -1.92 6.45
C ARG A 299 4.95 -1.74 5.15
N ILE A 300 5.45 -2.84 4.61
CA ILE A 300 6.18 -2.82 3.34
C ILE A 300 5.18 -3.00 2.22
N THR A 301 5.07 -2.01 1.33
CA THR A 301 4.13 -2.06 0.21
C THR A 301 4.76 -1.49 -1.09
N TYR A 302 4.18 -1.89 -2.19
CA TYR A 302 4.54 -1.36 -3.52
C TYR A 302 3.27 -1.25 -4.32
N GLY A 303 3.05 -0.09 -4.92
CA GLY A 303 1.92 0.15 -5.83
C GLY A 303 0.78 0.92 -5.17
N ALA A 304 -0.40 0.85 -5.76
CA ALA A 304 -1.60 1.54 -5.22
C ALA A 304 -2.12 0.73 -4.07
N CYS A 305 -1.75 1.12 -2.85
CA CYS A 305 -2.01 0.30 -1.67
C CYS A 305 -2.78 1.05 -0.60
N PRO A 306 -3.63 0.33 0.13
CA PRO A 306 -4.16 0.95 1.35
C PRO A 306 -3.02 1.34 2.31
N ARG A 307 -3.28 2.31 3.19
CA ARG A 307 -2.26 2.76 4.13
C ARG A 307 -2.18 1.79 5.31
N TYR A 308 -0.96 1.48 5.73
CA TYR A 308 -0.74 0.61 6.88
C TYR A 308 -1.15 1.26 8.21
N VAL A 309 -1.97 0.54 8.96
CA VAL A 309 -2.35 0.96 10.29
C VAL A 309 -2.19 -0.21 11.27
N LYS A 310 -2.21 0.12 12.55
CA LYS A 310 -2.06 -0.91 13.58
C LYS A 310 -3.34 -1.65 13.87
N GLN A 311 -4.49 -1.00 13.64
CA GLN A 311 -5.77 -1.62 13.91
C GLN A 311 -5.98 -2.82 13.01
N ASN A 312 -6.61 -3.88 13.52
CA ASN A 312 -6.91 -5.01 12.64
C ASN A 312 -8.35 -4.96 12.10
N THR A 313 -9.15 -4.00 12.58
CA THR A 313 -10.51 -3.79 12.08
C THR A 313 -10.93 -2.35 12.38
N LEU A 314 -11.61 -1.73 11.42
CA LEU A 314 -12.29 -0.46 11.62
C LEU A 314 -13.58 -0.51 10.81
N LYS A 315 -14.70 -0.52 11.50
CA LYS A 315 -15.99 -0.71 10.83
CA LYS A 315 -15.97 -0.72 10.81
C LYS A 315 -16.66 0.62 10.56
N LEU A 316 -16.97 0.89 9.29
CA LEU A 316 -17.67 2.11 8.88
C LEU A 316 -19.17 1.76 8.84
N ALA A 317 -19.98 2.48 9.61
CA ALA A 317 -21.44 2.35 9.53
C ALA A 317 -21.94 2.67 8.11
N THR A 318 -22.82 1.81 7.60
CA THR A 318 -23.48 2.02 6.33
C THR A 318 -24.99 1.98 6.46
N GLY A 319 -25.48 2.17 7.67
CA GLY A 319 -26.88 2.28 7.94
C GLY A 319 -27.08 2.94 9.28
N MET A 320 -28.35 3.15 9.61
CA MET A 320 -28.75 3.85 10.82
C MET A 320 -28.65 3.01 12.08
N ARG A 321 -28.87 3.65 13.22
CA ARG A 321 -28.94 2.93 14.48
C ARG A 321 -29.99 1.81 14.38
N ASN A 322 -29.65 0.66 14.92
CA ASN A 322 -30.53 -0.52 14.88
C ASN A 322 -31.22 -0.62 16.22
N VAL A 323 -32.55 -0.50 16.19
CA VAL A 323 -33.36 -0.39 17.41
C VAL A 323 -34.46 -1.45 17.35
N PRO A 324 -34.49 -2.37 18.30
CA PRO A 324 -35.51 -3.45 18.29
C PRO A 324 -36.96 -2.93 18.35
N GLU A 325 -37.92 -3.73 17.91
CA GLU A 325 -39.35 -3.38 18.03
C GLU A 325 -39.82 -3.65 19.43
N LYS A 326 -40.49 -2.67 20.03
CA LYS A 326 -41.22 -2.90 21.28
C LYS A 326 -42.41 -3.83 21.03
N GLN A 327 -42.61 -4.82 21.91
CA GLN A 327 -43.69 -5.81 21.76
C GLN A 327 -44.85 -5.56 22.72
N ALA A 334 -51.74 -1.55 19.44
CA ALA A 334 -51.70 -0.18 18.92
C ALA A 334 -50.37 0.04 18.21
N ILE A 335 -50.42 0.54 16.98
CA ILE A 335 -49.20 0.89 16.24
C ILE A 335 -48.40 1.97 16.98
N ALA A 336 -47.12 2.08 16.64
CA ALA A 336 -46.25 3.01 17.33
C ALA A 336 -45.15 3.45 16.39
N GLY A 337 -44.62 4.65 16.64
CA GLY A 337 -43.66 5.29 15.76
C GLY A 337 -42.25 5.14 16.28
N PHE A 338 -41.35 6.00 15.78
CA PHE A 338 -39.93 5.81 15.97
C PHE A 338 -39.38 6.04 17.37
N ILE A 339 -40.15 6.66 18.27
CA ILE A 339 -39.62 6.99 19.59
C ILE A 339 -39.26 5.67 20.33
N GLU A 340 -37.96 5.46 20.53
CA GLU A 340 -37.40 4.21 21.11
C GLU A 340 -37.96 2.90 20.51
N ASN A 341 -38.02 2.84 19.18
CA ASN A 341 -38.73 1.76 18.50
C ASN A 341 -38.45 1.70 16.99
N GLY A 342 -37.85 0.62 16.50
CA GLY A 342 -37.69 0.40 15.08
C GLY A 342 -38.69 -0.61 14.54
N TRP A 343 -38.82 -0.70 13.22
CA TRP A 343 -39.79 -1.56 12.58
C TRP A 343 -39.13 -2.63 11.76
N GLU A 344 -39.04 -3.83 12.30
CA GLU A 344 -38.40 -4.94 11.59
C GLU A 344 -39.17 -5.37 10.34
N GLY A 345 -40.47 -5.15 10.36
CA GLY A 345 -41.31 -5.46 9.21
C GLY A 345 -41.27 -4.47 8.06
N MET A 346 -40.47 -3.41 8.19
CA MET A 346 -40.34 -2.39 7.15
C MET A 346 -39.14 -2.80 6.31
N VAL A 347 -39.42 -3.47 5.20
CA VAL A 347 -38.38 -4.11 4.38
C VAL A 347 -38.17 -3.46 3.00
N ASP A 348 -39.06 -2.57 2.57
CA ASP A 348 -38.91 -1.93 1.27
C ASP A 348 -38.49 -0.46 1.36
N GLY A 349 -38.08 -0.05 2.54
CA GLY A 349 -37.62 1.31 2.76
C GLY A 349 -36.92 1.40 4.08
N TRP A 350 -36.20 2.50 4.27
CA TRP A 350 -35.56 2.79 5.54
C TRP A 350 -36.43 3.56 6.46
N TYR A 351 -37.32 4.38 5.90
CA TYR A 351 -38.25 5.20 6.67
C TYR A 351 -39.62 5.02 6.07
N GLY A 352 -40.65 5.25 6.87
CA GLY A 352 -42.01 5.16 6.33
C GLY A 352 -43.10 5.52 7.31
N PHE A 353 -44.32 5.10 6.96
CA PHE A 353 -45.53 5.48 7.61
C PHE A 353 -46.30 4.21 7.97
N ARG A 354 -46.87 4.18 9.16
CA ARG A 354 -47.90 3.20 9.51
C ARG A 354 -49.16 3.93 9.95
N HIS A 355 -50.32 3.40 9.57
CA HIS A 355 -51.54 4.08 9.87
C HIS A 355 -52.56 3.12 10.36
N GLN A 356 -53.51 3.66 11.12
CA GLN A 356 -54.74 2.98 11.48
C GLN A 356 -55.91 3.92 11.16
N ASN A 357 -56.86 3.41 10.40
CA ASN A 357 -58.05 4.17 10.06
C ASN A 357 -59.25 3.22 9.92
N SER A 358 -60.35 3.74 9.38
CA SER A 358 -61.57 2.98 9.09
C SER A 358 -61.36 1.74 8.23
N GLU A 359 -60.31 1.71 7.42
CA GLU A 359 -60.08 0.64 6.47
C GLU A 359 -59.01 -0.39 6.88
N GLY A 360 -58.39 -0.20 8.05
CA GLY A 360 -57.41 -1.16 8.55
C GLY A 360 -56.14 -0.51 9.06
N ILE A 361 -55.08 -1.30 9.08
CA ILE A 361 -53.75 -0.84 9.54
C ILE A 361 -52.79 -1.11 8.41
N GLY A 362 -52.03 -0.10 8.02
CA GLY A 362 -51.24 -0.19 6.81
C GLY A 362 -49.85 0.38 7.01
N GLN A 363 -48.96 0.05 6.09
CA GLN A 363 -47.58 0.52 6.10
C GLN A 363 -47.18 0.92 4.68
N ALA A 364 -46.36 1.97 4.58
CA ALA A 364 -45.79 2.37 3.31
C ALA A 364 -44.43 3.00 3.57
N ALA A 365 -43.47 2.66 2.72
CA ALA A 365 -42.14 3.24 2.75
C ALA A 365 -42.16 4.63 2.18
N ASP A 366 -41.30 5.51 2.71
CA ASP A 366 -41.11 6.85 2.14
C ASP A 366 -39.83 6.81 1.34
N LEU A 367 -39.96 7.01 0.02
CA LEU A 367 -38.86 6.84 -0.91
C LEU A 367 -37.83 7.94 -0.77
N LYS A 368 -38.30 9.19 -0.64
CA LYS A 368 -37.43 10.36 -0.63
C LYS A 368 -36.43 10.32 0.50
N SER A 369 -36.94 10.03 1.70
CA SER A 369 -36.11 10.01 2.91
C SER A 369 -35.13 8.85 2.84
N THR A 370 -35.61 7.70 2.38
CA THR A 370 -34.77 6.52 2.20
C THR A 370 -33.61 6.81 1.24
N GLN A 371 -33.94 7.39 0.10
CA GLN A 371 -32.93 7.67 -0.92
C GLN A 371 -31.93 8.75 -0.45
N ALA A 372 -32.41 9.73 0.30
CA ALA A 372 -31.55 10.78 0.85
C ALA A 372 -30.45 10.19 1.76
N ALA A 373 -30.83 9.26 2.65
CA ALA A 373 -29.84 8.60 3.52
C ALA A 373 -28.88 7.71 2.72
N ILE A 374 -29.44 6.92 1.82
CA ILE A 374 -28.65 6.00 1.02
C ILE A 374 -27.63 6.77 0.17
N ASN A 375 -28.06 7.89 -0.41
CA ASN A 375 -27.20 8.70 -1.27
C ASN A 375 -26.01 9.25 -0.51
N GLN A 376 -26.26 9.70 0.72
CA GLN A 376 -25.19 10.29 1.53
C GLN A 376 -24.18 9.24 1.94
N ILE A 377 -24.68 8.05 2.28
CA ILE A 377 -23.83 6.95 2.69
C ILE A 377 -22.98 6.48 1.50
N ASN A 378 -23.61 6.37 0.35
CA ASN A 378 -22.88 6.01 -0.86
C ASN A 378 -21.82 7.03 -1.21
N GLY A 379 -22.10 8.31 -0.92
CA GLY A 379 -21.14 9.38 -1.11
C GLY A 379 -19.88 9.16 -0.29
N LYS A 380 -20.04 8.82 0.98
CA LYS A 380 -18.85 8.62 1.80
C LYS A 380 -18.14 7.32 1.44
N LEU A 381 -18.88 6.30 1.02
CA LEU A 381 -18.23 5.12 0.49
C LEU A 381 -17.38 5.45 -0.72
N ASN A 382 -17.91 6.29 -1.63
CA ASN A 382 -17.15 6.70 -2.81
C ASN A 382 -15.81 7.39 -2.45
N ARG A 383 -15.75 8.16 -1.37
CA ARG A 383 -14.52 8.84 -0.98
C ARG A 383 -13.50 7.86 -0.40
N LEU A 384 -13.99 6.79 0.21
CA LEU A 384 -13.15 5.90 1.01
C LEU A 384 -12.75 4.60 0.32
N ILE A 385 -13.57 4.14 -0.63
CA ILE A 385 -13.40 2.83 -1.25
C ILE A 385 -12.82 3.01 -2.65
N GLY A 386 -11.74 2.27 -2.93
CA GLY A 386 -11.13 2.27 -4.26
C GLY A 386 -10.40 3.55 -4.60
N LYS A 387 -9.86 4.23 -3.58
CA LYS A 387 -9.23 5.52 -3.76
C LYS A 387 -7.78 5.57 -3.28
N THR A 388 -7.10 4.43 -3.26
CA THR A 388 -5.76 4.35 -2.74
C THR A 388 -4.78 5.07 -3.68
N ASN A 389 -3.66 5.50 -3.08
CA ASN A 389 -2.62 6.20 -3.82
CA ASN A 389 -2.63 6.21 -3.79
C ASN A 389 -1.37 5.34 -3.93
N GLU A 390 -0.62 5.54 -5.02
CA GLU A 390 0.55 4.73 -5.27
C GLU A 390 1.81 5.23 -4.55
N LYS A 391 2.58 4.30 -3.98
CA LYS A 391 3.96 4.59 -3.57
C LYS A 391 4.90 3.53 -4.13
N PHE A 392 6.15 3.89 -4.33
CA PHE A 392 7.07 3.04 -5.05
C PHE A 392 8.29 2.74 -4.18
N HIS A 393 9.48 3.22 -4.52
CA HIS A 393 10.66 2.97 -3.71
C HIS A 393 10.63 3.86 -2.50
N GLN A 394 10.88 3.29 -1.33
CA GLN A 394 10.70 3.99 -0.06
CA GLN A 394 10.73 4.01 -0.08
C GLN A 394 11.97 3.78 0.79
N ILE A 395 11.84 3.35 2.03
CA ILE A 395 12.99 3.01 2.82
C ILE A 395 12.82 1.56 3.20
N GLU A 396 13.91 0.93 3.66
CA GLU A 396 13.81 -0.42 4.19
C GLU A 396 13.18 -0.35 5.58
N LYS A 397 12.47 -1.42 5.94
CA LYS A 397 11.68 -1.46 7.16
C LYS A 397 11.91 -2.70 8.01
N GLU A 398 12.72 -3.62 7.49
CA GLU A 398 13.22 -4.78 8.23
C GLU A 398 14.73 -4.88 8.01
N PHE A 399 15.46 -5.38 9.02
CA PHE A 399 16.92 -5.37 8.97
C PHE A 399 17.49 -6.68 9.54
N SER A 400 18.43 -7.26 8.82
CA SER A 400 19.07 -8.54 9.23
C SER A 400 20.29 -8.35 10.13
N GLU A 401 20.84 -7.14 10.18
CA GLU A 401 22.03 -6.84 10.99
C GLU A 401 21.77 -5.66 11.87
N VAL A 402 22.46 -5.65 13.00
CA VAL A 402 22.50 -4.51 13.95
C VAL A 402 23.41 -3.42 13.38
N GLU A 403 22.94 -2.16 13.37
CA GLU A 403 23.73 -1.05 12.79
C GLU A 403 23.84 0.23 13.62
N GLY A 404 22.91 0.45 14.55
CA GLY A 404 22.88 1.63 15.38
C GLY A 404 22.18 2.81 14.70
N ARG A 405 22.87 3.95 14.68
CA ARG A 405 22.25 5.26 14.43
C ARG A 405 21.33 5.35 13.21
N ILE A 406 21.81 5.00 12.03
CA ILE A 406 21.00 5.17 10.83
C ILE A 406 19.73 4.28 10.86
N GLN A 407 19.89 3.05 11.32
CA GLN A 407 18.77 2.13 11.45
C GLN A 407 17.76 2.56 12.51
N ASP A 408 18.26 3.13 13.62
CA ASP A 408 17.42 3.68 14.66
C ASP A 408 16.49 4.75 14.02
N LEU A 409 17.08 5.58 13.15
CA LEU A 409 16.32 6.68 12.52
C LEU A 409 15.31 6.13 11.51
N GLU A 410 15.73 5.15 10.70
CA GLU A 410 14.79 4.53 9.73
C GLU A 410 13.59 3.93 10.47
N LYS A 411 13.86 3.22 11.56
CA LYS A 411 12.79 2.61 12.33
C LYS A 411 11.85 3.64 12.97
N TYR A 412 12.43 4.72 13.50
CA TYR A 412 11.65 5.74 14.20
C TYR A 412 10.79 6.52 13.21
N VAL A 413 11.32 6.76 12.01
CA VAL A 413 10.55 7.48 10.97
C VAL A 413 9.30 6.64 10.64
N GLU A 414 9.49 5.33 10.49
CA GLU A 414 8.36 4.45 10.12
C GLU A 414 7.36 4.29 11.25
N ASP A 415 7.85 4.09 12.48
CA ASP A 415 6.97 4.00 13.65
C ASP A 415 6.13 5.26 13.80
N THR A 416 6.80 6.40 13.65
CA THR A 416 6.15 7.69 13.73
C THR A 416 5.01 7.82 12.72
N LYS A 417 5.30 7.47 11.49
CA LYS A 417 4.33 7.53 10.38
C LYS A 417 3.13 6.64 10.68
N ILE A 418 3.40 5.41 11.12
CA ILE A 418 2.31 4.47 11.34
C ILE A 418 1.42 4.91 12.49
N ASP A 419 2.01 5.45 13.55
CA ASP A 419 1.16 5.87 14.66
C ASP A 419 0.29 7.05 14.21
N LEU A 420 0.85 7.96 13.41
CA LEU A 420 0.05 9.10 12.94
C LEU A 420 -1.10 8.68 12.02
N TRP A 421 -0.82 7.75 11.10
CA TRP A 421 -1.90 7.22 10.25
C TRP A 421 -2.94 6.43 11.02
N SER A 422 -2.50 5.68 12.03
CA SER A 422 -3.41 4.89 12.84
C SER A 422 -4.38 5.80 13.60
N TYR A 423 -3.86 6.93 14.08
CA TYR A 423 -4.67 7.96 14.75
C TYR A 423 -5.65 8.56 13.77
N ASN A 424 -5.17 8.95 12.58
CA ASN A 424 -6.07 9.52 11.58
C ASN A 424 -7.22 8.57 11.24
N ALA A 425 -6.89 7.27 11.10
CA ALA A 425 -7.88 6.26 10.74
C ALA A 425 -8.93 6.11 11.84
N GLU A 426 -8.49 6.08 13.11
CA GLU A 426 -9.37 5.96 14.26
C GLU A 426 -10.34 7.17 14.34
N LEU A 427 -9.79 8.35 14.19
CA LEU A 427 -10.61 9.57 14.27
C LEU A 427 -11.58 9.64 13.07
N LEU A 428 -11.08 9.32 11.88
CA LEU A 428 -11.90 9.43 10.67
C LEU A 428 -13.13 8.54 10.78
N VAL A 429 -12.94 7.32 11.23
CA VAL A 429 -14.04 6.38 11.30
C VAL A 429 -15.04 6.80 12.38
N ALA A 430 -14.53 7.26 13.53
CA ALA A 430 -15.40 7.72 14.59
C ALA A 430 -16.24 8.94 14.13
N LEU A 431 -15.59 9.88 13.46
CA LEU A 431 -16.28 11.06 12.91
C LEU A 431 -17.31 10.71 11.83
N GLU A 432 -16.92 9.90 10.86
CA GLU A 432 -17.84 9.46 9.83
C GLU A 432 -19.04 8.73 10.42
N ASN A 433 -18.81 7.81 11.36
CA ASN A 433 -19.90 7.04 11.96
C ASN A 433 -20.87 7.93 12.74
N GLN A 434 -20.32 8.90 13.46
CA GLN A 434 -21.17 9.89 14.12
C GLN A 434 -22.00 10.66 13.10
N HIS A 435 -21.40 11.00 11.98
CA HIS A 435 -22.11 11.76 10.94
C HIS A 435 -23.20 10.90 10.30
N THR A 436 -22.93 9.62 10.12
CA THR A 436 -23.96 8.70 9.57
C THR A 436 -25.13 8.51 10.51
N ILE A 437 -24.85 8.36 11.81
CA ILE A 437 -25.90 8.29 12.80
C ILE A 437 -26.71 9.60 12.78
N ASP A 438 -26.00 10.72 12.76
CA ASP A 438 -26.65 12.04 12.74
C ASP A 438 -27.52 12.27 11.49
N LEU A 439 -27.03 11.93 10.31
CA LEU A 439 -27.76 12.16 9.08
C LEU A 439 -28.97 11.21 8.96
N THR A 440 -28.85 10.00 9.47
CA THR A 440 -29.99 9.07 9.42
C THR A 440 -31.03 9.44 10.47
N ASP A 441 -30.60 9.84 11.66
CA ASP A 441 -31.53 10.38 12.64
C ASP A 441 -32.23 11.61 12.04
N SER A 442 -31.47 12.46 11.37
CA SER A 442 -32.03 13.69 10.80
C SER A 442 -33.12 13.42 9.77
N GLU A 443 -32.90 12.49 8.85
CA GLU A 443 -33.97 12.11 7.89
C GLU A 443 -35.24 11.66 8.59
N MET A 444 -35.16 10.95 9.71
CA MET A 444 -36.37 10.56 10.44
C MET A 444 -37.04 11.81 11.02
N ASN A 445 -36.24 12.69 11.60
CA ASN A 445 -36.80 13.86 12.26
C ASN A 445 -37.45 14.79 11.24
N LYS A 446 -36.84 14.92 10.08
CA LYS A 446 -37.35 15.79 9.03
C LYS A 446 -38.68 15.25 8.49
N LEU A 447 -38.79 13.93 8.36
CA LEU A 447 -40.02 13.34 7.87
C LEU A 447 -41.15 13.59 8.88
N PHE A 448 -40.85 13.42 10.16
CA PHE A 448 -41.83 13.70 11.19
C PHE A 448 -42.26 15.16 11.13
N GLU A 449 -41.30 16.08 10.99
CA GLU A 449 -41.64 17.50 11.03
CA GLU A 449 -41.58 17.50 11.01
C GLU A 449 -42.44 17.92 9.82
N ARG A 450 -42.08 17.44 8.63
CA ARG A 450 -42.85 17.69 7.39
C ARG A 450 -44.32 17.29 7.55
N THR A 451 -44.53 16.14 8.16
CA THR A 451 -45.87 15.58 8.33
C THR A 451 -46.63 16.43 9.33
N LYS A 452 -45.98 16.79 10.43
CA LYS A 452 -46.58 17.70 11.40
C LYS A 452 -47.07 18.98 10.73
N LYS A 453 -46.23 19.52 9.85
CA LYS A 453 -46.56 20.81 9.24
C LYS A 453 -47.78 20.67 8.31
N GLN A 454 -47.84 19.58 7.55
CA GLN A 454 -48.97 19.32 6.66
C GLN A 454 -50.30 19.29 7.43
N LEU A 455 -50.27 18.65 8.59
CA LEU A 455 -51.49 18.36 9.37
C LEU A 455 -52.09 19.58 10.05
N ARG A 456 -51.27 20.61 10.26
CA ARG A 456 -51.74 21.87 10.83
C ARG A 456 -52.52 21.62 12.14
N GLU A 457 -53.74 22.14 12.23
CA GLU A 457 -54.54 22.01 13.45
C GLU A 457 -55.43 20.76 13.44
N ASN A 458 -55.18 19.84 12.50
CA ASN A 458 -56.05 18.66 12.36
C ASN A 458 -55.57 17.44 13.12
N ALA A 459 -54.41 17.55 13.77
CA ALA A 459 -53.79 16.43 14.46
C ALA A 459 -53.01 16.89 15.66
N GLU A 460 -52.81 15.96 16.60
CA GLU A 460 -51.91 16.19 17.73
C GLU A 460 -50.84 15.11 17.81
N ASP A 461 -49.67 15.52 18.30
CA ASP A 461 -48.54 14.66 18.49
C ASP A 461 -48.76 13.79 19.75
N MET A 462 -48.80 12.48 19.58
CA MET A 462 -49.04 11.55 20.69
C MET A 462 -47.77 11.21 21.48
N GLY A 463 -46.62 11.73 21.05
CA GLY A 463 -45.37 11.60 21.80
C GLY A 463 -44.59 10.32 21.53
N ASN A 464 -45.13 9.44 20.69
CA ASN A 464 -44.50 8.16 20.39
C ASN A 464 -44.06 8.07 18.93
N GLY A 465 -43.95 9.23 18.28
CA GLY A 465 -43.69 9.29 16.84
C GLY A 465 -44.93 9.16 15.97
N CYS A 466 -46.10 9.30 16.58
CA CYS A 466 -47.36 9.25 15.86
C CYS A 466 -48.21 10.49 16.09
N PHE A 467 -49.08 10.75 15.12
CA PHE A 467 -50.11 11.75 15.19
C PHE A 467 -51.49 11.09 15.35
N LYS A 468 -52.30 11.69 16.22
CA LYS A 468 -53.73 11.42 16.28
C LYS A 468 -54.40 12.43 15.36
N ILE A 469 -54.97 11.94 14.29
CA ILE A 469 -55.64 12.78 13.32
C ILE A 469 -57.11 12.83 13.72
N TYR A 470 -57.63 14.02 13.97
CA TYR A 470 -58.95 14.16 14.58
C TYR A 470 -60.09 14.22 13.57
N HIS A 471 -59.94 13.47 12.47
CA HIS A 471 -61.01 13.34 11.49
C HIS A 471 -60.92 12.02 10.82
N LYS A 472 -62.00 11.65 10.14
CA LYS A 472 -62.03 10.41 9.41
C LYS A 472 -61.00 10.56 8.29
N CYS A 473 -60.07 9.62 8.19
CA CYS A 473 -58.97 9.74 7.21
C CYS A 473 -58.74 8.37 6.60
N ASP A 474 -59.47 8.12 5.52
CA ASP A 474 -59.44 6.84 4.84
C ASP A 474 -58.13 6.61 4.07
N ASN A 475 -58.06 5.53 3.32
CA ASN A 475 -56.81 5.17 2.66
C ASN A 475 -56.30 6.25 1.72
N ALA A 476 -57.19 6.86 0.94
CA ALA A 476 -56.81 7.95 0.03
C ALA A 476 -56.34 9.19 0.80
N CYS A 477 -56.98 9.48 1.91
CA CYS A 477 -56.58 10.59 2.76
C CYS A 477 -55.19 10.37 3.32
N ILE A 478 -54.93 9.18 3.84
CA ILE A 478 -53.61 8.88 4.35
C ILE A 478 -52.59 9.00 3.22
N GLY A 479 -52.92 8.48 2.04
CA GLY A 479 -52.05 8.58 0.89
C GLY A 479 -51.77 10.02 0.49
N SER A 480 -52.75 10.89 0.63
CA SER A 480 -52.56 12.32 0.37
C SER A 480 -51.50 12.94 1.31
N ILE A 481 -51.48 12.50 2.56
CA ILE A 481 -50.47 12.95 3.53
C ILE A 481 -49.11 12.43 3.11
N ARG A 482 -49.04 11.15 2.81
CA ARG A 482 -47.78 10.53 2.38
C ARG A 482 -47.23 11.17 1.10
N ASN A 483 -48.13 11.54 0.18
CA ASN A 483 -47.78 12.16 -1.11
C ASN A 483 -47.53 13.66 -1.04
N GLY A 484 -47.86 14.28 0.09
CA GLY A 484 -47.69 15.72 0.23
C GLY A 484 -48.77 16.54 -0.45
N THR A 485 -49.94 15.96 -0.69
CA THR A 485 -51.06 16.69 -1.31
C THR A 485 -52.27 16.88 -0.38
N TYR A 486 -52.12 16.50 0.89
CA TYR A 486 -53.20 16.66 1.89
C TYR A 486 -53.57 18.13 2.03
N ASP A 487 -54.86 18.44 1.93
CA ASP A 487 -55.37 19.80 2.11
C ASP A 487 -56.04 19.91 3.48
N HIS A 488 -55.33 20.50 4.42
CA HIS A 488 -55.80 20.58 5.82
C HIS A 488 -57.10 21.34 5.90
N ASP A 489 -57.34 22.29 5.00
CA ASP A 489 -58.57 23.10 5.06
C ASP A 489 -59.84 22.28 4.89
N VAL A 490 -59.77 21.23 4.08
CA VAL A 490 -60.90 20.32 3.80
C VAL A 490 -61.46 19.70 5.07
N TYR A 491 -60.56 19.38 6.01
CA TYR A 491 -60.93 18.61 7.21
C TYR A 491 -60.92 19.43 8.49
N ARG A 492 -60.55 20.71 8.41
CA ARG A 492 -60.28 21.50 9.60
C ARG A 492 -61.51 21.70 10.48
N ASP A 493 -62.67 21.95 9.88
CA ASP A 493 -63.90 22.09 10.66
C ASP A 493 -64.19 20.81 11.47
N GLU A 494 -64.13 19.66 10.83
CA GLU A 494 -64.36 18.36 11.49
C GLU A 494 -63.31 18.16 12.58
N ALA A 495 -62.05 18.41 12.24
CA ALA A 495 -60.96 18.17 13.18
C ALA A 495 -61.06 19.05 14.43
N LEU A 496 -61.36 20.34 14.24
CA LEU A 496 -61.46 21.26 15.38
C LEU A 496 -62.61 20.90 16.31
N ASN A 497 -63.73 20.51 15.72
CA ASN A 497 -64.88 20.06 16.50
CA ASN A 497 -64.88 20.05 16.50
C ASN A 497 -64.51 18.85 17.36
N ASN A 498 -63.79 17.90 16.79
CA ASN A 498 -63.35 16.71 17.52
C ASN A 498 -62.30 17.03 18.59
N ARG A 499 -61.34 17.88 18.26
CA ARG A 499 -60.28 18.24 19.21
C ARG A 499 -60.73 19.02 20.42
N PHE A 500 -61.58 20.02 20.18
CA PHE A 500 -61.94 20.96 21.23
C PHE A 500 -63.37 20.77 21.69
N GLN A 501 -63.79 19.51 21.76
CA GLN A 501 -65.07 19.11 22.34
C GLN A 501 -64.91 18.87 23.84
N ILE A 502 -65.98 19.13 24.59
CA ILE A 502 -66.04 18.78 26.02
C ILE A 502 -66.48 17.32 26.13
N LYS A 503 -65.75 16.53 26.92
CA LYS A 503 -66.05 15.10 27.10
C LYS A 503 -66.67 14.81 28.45
C1 NAG B . 47.03 9.46 -17.46
C2 NAG B . 48.11 10.52 -17.58
C3 NAG B . 47.54 11.90 -17.79
C4 NAG B . 46.53 11.90 -18.92
C5 NAG B . 45.48 10.84 -18.65
C6 NAG B . 44.45 10.74 -19.76
C7 NAG B . 50.26 10.15 -16.45
C8 NAG B . 51.00 10.15 -15.14
N2 NAG B . 48.96 10.47 -16.40
O3 NAG B . 48.58 12.82 -18.09
O4 NAG B . 45.92 13.16 -18.92
O5 NAG B . 46.09 9.57 -18.50
O6 NAG B . 45.06 10.25 -20.94
O7 NAG B . 50.84 9.84 -17.50
C1 NAG B . 46.04 13.86 -20.17
C2 NAG B . 44.98 14.95 -20.16
C3 NAG B . 45.10 15.88 -21.36
C4 NAG B . 46.55 16.31 -21.65
C5 NAG B . 47.45 15.07 -21.61
C6 NAG B . 48.92 15.36 -21.88
C7 NAG B . 42.87 14.33 -19.05
C8 NAG B . 41.53 13.65 -19.16
N2 NAG B . 43.65 14.32 -20.13
O3 NAG B . 44.30 17.02 -21.14
O4 NAG B . 46.57 16.89 -22.96
O5 NAG B . 47.32 14.45 -20.32
O6 NAG B . 49.43 16.25 -20.90
O7 NAG B . 43.19 14.86 -17.99
C1 MAN B . 47.16 18.20 -23.10
C2 MAN B . 46.10 19.26 -23.38
C3 MAN B . 46.71 20.63 -23.72
C4 MAN B . 48.23 20.62 -23.58
C5 MAN B . 48.84 19.44 -24.35
C6 MAN B . 50.28 19.17 -23.89
O2 MAN B . 45.21 19.37 -22.27
O3 MAN B . 46.18 21.67 -22.89
O4 MAN B . 48.76 21.83 -24.08
O5 MAN B . 48.06 18.24 -24.21
O6 MAN B . 51.19 20.01 -24.62
C1 NAG C . 48.98 5.80 -12.40
C2 NAG C . 49.90 5.09 -11.43
C3 NAG C . 51.33 5.63 -11.50
C4 NAG C . 51.83 5.82 -12.94
C5 NAG C . 50.74 6.49 -13.79
C6 NAG C . 51.14 6.60 -15.27
C7 NAG C . 48.91 4.27 -9.32
C8 NAG C . 48.48 4.64 -7.93
N2 NAG C . 49.43 5.26 -10.06
O3 NAG C . 52.14 4.78 -10.73
O4 NAG C . 52.95 6.68 -12.96
O5 NAG C . 49.54 5.76 -13.70
O6 NAG C . 51.35 5.30 -15.78
O7 NAG C . 48.77 3.12 -9.71
C1 NAG C . 54.25 6.03 -12.91
C2 NAG C . 55.47 6.97 -12.91
C3 NAG C . 56.69 6.27 -13.52
C4 NAG C . 56.89 4.94 -12.80
C5 NAG C . 55.66 4.03 -12.96
C6 NAG C . 55.81 2.75 -12.15
C7 NAG C . 54.86 8.47 -14.80
C8 NAG C . 54.62 9.91 -15.19
N2 NAG C . 55.20 8.28 -13.53
O3 NAG C . 57.85 7.06 -13.37
O4 NAG C . 58.07 4.33 -13.31
O5 NAG C . 54.43 4.66 -12.61
O6 NAG C . 55.28 2.90 -10.84
O7 NAG C . 54.71 7.58 -15.64
C1 NAG D . -23.95 -3.38 3.77
C2 NAG D . -24.80 -4.03 2.69
C3 NAG D . -24.01 -4.35 1.42
C4 NAG D . -23.25 -3.11 0.94
C5 NAG D . -22.43 -2.48 2.09
C6 NAG D . -21.82 -1.16 1.63
C7 NAG D . -26.71 -5.35 3.39
C8 NAG D . -27.21 -6.63 4.00
N2 NAG D . -25.39 -5.23 3.26
O3 NAG D . -24.90 -4.74 0.42
O4 NAG D . -22.40 -3.43 -0.15
O5 NAG D . -23.21 -2.26 3.26
O6 NAG D . -22.85 -0.31 1.16
O7 NAG D . -27.52 -4.47 3.05
C1 NAG E . 18.51 -22.60 -6.79
C2 NAG E . 18.00 -23.44 -7.95
C3 NAG E . 17.57 -24.85 -7.56
C4 NAG E . 18.65 -25.49 -6.69
C5 NAG E . 18.88 -24.55 -5.50
C6 NAG E . 19.83 -25.10 -4.45
C7 NAG E . 17.00 -22.11 -9.73
C8 NAG E . 15.75 -21.46 -10.25
N2 NAG E . 16.89 -22.76 -8.58
O3 NAG E . 17.36 -25.59 -8.74
O4 NAG E . 18.27 -26.79 -6.25
O5 NAG E . 19.43 -23.33 -6.01
O6 NAG E . 21.06 -25.39 -5.09
O7 NAG E . 18.06 -22.03 -10.35
C1 NAG F . 47.02 1.76 -24.56
C2 NAG F . 47.12 2.47 -25.91
C3 NAG F . 48.50 3.06 -26.23
C4 NAG F . 49.37 3.35 -25.01
C5 NAG F . 49.22 2.24 -23.97
C6 NAG F . 50.13 2.39 -22.75
C7 NAG F . 45.82 1.78 -27.92
C8 NAG F . 45.54 0.68 -28.89
N2 NAG F . 46.72 1.53 -26.96
O3 NAG F . 48.33 4.27 -26.94
O4 NAG F . 50.72 3.47 -25.41
O5 NAG F . 47.86 2.28 -23.56
O6 NAG F . 49.85 3.60 -22.07
O7 NAG F . 45.23 2.87 -28.03
C1 NAG G . 37.98 -11.81 -22.70
C2 NAG G . 36.79 -11.94 -23.66
C3 NAG G . 37.16 -12.24 -25.11
C4 NAG G . 38.46 -11.55 -25.53
C5 NAG G . 39.50 -11.79 -24.45
C6 NAG G . 40.90 -11.29 -24.73
C7 NAG G . 36.05 -14.17 -22.82
C8 NAG G . 34.87 -14.98 -22.36
N2 NAG G . 35.79 -12.90 -23.18
O3 NAG G . 36.10 -11.85 -25.96
O4 NAG G . 38.89 -12.08 -26.76
O5 NAG G . 39.02 -11.09 -23.32
O6 NAG G . 41.79 -12.09 -23.98
O7 NAG G . 37.16 -14.69 -22.85
C1 NAG H . 2.70 -10.74 6.79
C2 NAG H . 1.79 -11.27 7.90
C3 NAG H . 2.28 -10.75 9.27
C4 NAG H . 3.78 -10.91 9.43
C5 NAG H . 4.49 -10.28 8.22
C6 NAG H . 6.02 -10.27 8.28
C7 NAG H . -0.49 -11.69 7.06
C8 NAG H . -1.92 -11.24 6.94
N2 NAG H . 0.39 -10.90 7.73
O3 NAG H . 1.56 -11.41 10.31
O4 NAG H . 4.18 -10.22 10.60
O5 NAG H . 4.07 -10.96 7.04
O6 NAG H . 6.50 -11.58 8.36
O7 NAG H . -0.17 -12.75 6.53
N1 EPE I . 30.70 -14.80 -19.68
C2 EPE I . 31.87 -15.64 -20.02
C3 EPE I . 33.06 -15.23 -19.13
N4 EPE I . 33.32 -13.77 -19.17
C5 EPE I . 32.45 -13.06 -20.14
C6 EPE I . 30.97 -13.37 -19.94
C7 EPE I . 33.26 -13.14 -17.84
C8 EPE I . 34.56 -13.37 -17.05
O8 EPE I . 34.93 -12.19 -16.32
C9 EPE I . 29.53 -15.28 -20.43
C10 EPE I . 28.23 -14.78 -19.80
S EPE I . 26.97 -14.90 -20.90
O1S EPE I . 25.73 -15.12 -20.21
O2S EPE I . 27.19 -16.00 -21.80
O3S EPE I . 26.86 -13.50 -21.76
N1 EPE J . 27.14 -11.57 1.53
C2 EPE J . 27.57 -10.46 2.41
C3 EPE J . 26.35 -9.77 3.02
N4 EPE J . 25.48 -9.28 1.94
C5 EPE J . 25.03 -10.39 1.08
C6 EPE J . 26.23 -11.11 0.46
C7 EPE J . 24.37 -8.43 2.45
C8 EPE J . 23.25 -9.20 3.17
O8 EPE J . 22.88 -8.49 4.37
C9 EPE J . 28.29 -12.47 1.15
C10 EPE J . 28.69 -12.61 -0.33
S EPE J . 29.79 -13.90 -0.48
O1S EPE J . 30.30 -13.93 -1.82
O2S EPE J . 29.05 -15.11 -0.19
O3S EPE J . 31.01 -13.66 0.56
N1 EPE K . 22.73 -4.12 -25.34
C2 EPE K . 21.87 -4.25 -26.54
C3 EPE K . 20.46 -3.71 -26.29
N4 EPE K . 19.85 -4.41 -25.12
C5 EPE K . 20.70 -4.22 -23.93
C6 EPE K . 22.11 -4.76 -24.17
C7 EPE K . 18.49 -3.91 -24.90
C8 EPE K . 17.66 -4.86 -24.04
O8 EPE K . 17.66 -4.36 -22.69
C9 EPE K . 24.07 -4.72 -25.57
C10 EPE K . 25.12 -3.62 -25.68
S EPE K . 26.64 -4.20 -26.08
O1S EPE K . 26.58 -5.57 -26.54
O2S EPE K . 27.50 -4.14 -24.94
O3S EPE K . 27.23 -3.27 -27.30
C TAM L . -9.90 11.06 2.68
C1 TAM L . -10.36 12.01 3.80
C2 TAM L . -9.60 9.65 3.22
C3 TAM L . -8.69 11.62 1.93
C4 TAM L . -11.35 13.11 3.41
C5 TAM L . -8.13 9.21 3.22
C6 TAM L . -8.89 13.01 1.37
N TAM L . -10.98 10.91 1.72
O4 TAM L . -12.38 13.22 4.40
O5 TAM L . -8.01 7.92 3.81
O6 TAM L . -7.91 13.22 0.35
C1 SIA M . 41.84 -21.13 -8.94
C2 SIA M . 43.32 -21.18 -9.34
C3 SIA M . 43.44 -21.22 -10.87
C4 SIA M . 43.03 -19.90 -11.54
C5 SIA M . 43.83 -18.76 -10.94
C6 SIA M . 43.65 -18.75 -9.42
C7 SIA M . 44.45 -17.64 -8.74
C8 SIA M . 44.54 -17.80 -7.24
C9 SIA M . 44.55 -16.44 -6.55
C10 SIA M . 43.98 -16.44 -11.75
C11 SIA M . 43.25 -15.25 -12.31
N5 SIA M . 43.26 -17.52 -11.49
O1A SIA M . 40.95 -21.46 -9.75
O1B SIA M . 41.56 -20.74 -7.79
O4 SIA M . 43.26 -19.95 -12.95
O6 SIA M . 44.03 -20.03 -8.86
O7 SIA M . 45.78 -17.59 -9.27
O8 SIA M . 43.43 -18.58 -6.77
O9 SIA M . 44.46 -16.61 -5.14
O10 SIA M . 45.18 -16.38 -11.54
C CMO N . 44.67 -22.26 -7.60
O CMO N . 43.87 -22.40 -8.78
#